data_4MTA
#
_entry.id   4MTA
#
_cell.length_a   95.790
_cell.length_b   95.790
_cell.length_c   79.760
_cell.angle_alpha   90.00
_cell.angle_beta   90.00
_cell.angle_gamma   120.00
#
_symmetry.space_group_name_H-M   'P 65'
#
loop_
_entity.id
_entity.type
_entity.pdbx_description
1 polymer 'Serine/threonine-protein kinase pim-1'
2 non-polymer '2-methyl-5-phenylfuran-3-carboxylic acid'
3 non-polymer GLYCEROL
4 water water
#
_entity_poly.entity_id   1
_entity_poly.type   'polypeptide(L)'
_entity_poly.pdbx_seq_one_letter_code
;GKEKEPLESQYQVGPLLGSGGFGSVYSGIRVSDNLPVAIKHVEKDRISDWGELPNGTRVPMEVVLLKKVSSGFSGVIRLL
DWFERPDSFVLILERPEPVQDLFDFITERGALQEELARSFFWQVLEAVRHCHNCGVLHRDIKDENILIDLNRGELKLIDF
GSGALLKDTVYTDFDGTRVYSPPEWIRYHRYHGRSAAVWSLGILLYDMVCGDIPFEHDEEIIRGQVFFRQRVSSECQHLI
RWCLALRPSDRPTFEEIQNHPWMQDVLLPQETAEIHLHSLSPGPSK
;
_entity_poly.pdbx_strand_id   A
#
loop_
_chem_comp.id
_chem_comp.type
_chem_comp.name
_chem_comp.formula
2D2 non-polymer '2-methyl-5-phenylfuran-3-carboxylic acid' 'C12 H10 O3'
GOL non-polymer GLYCEROL 'C3 H8 O3'
#
# COMPACT_ATOMS: atom_id res chain seq x y z
N PRO A 6 -22.13 -15.66 -14.48
CA PRO A 6 -21.46 -14.47 -15.05
C PRO A 6 -20.06 -14.33 -14.46
N LEU A 7 -19.96 -14.12 -13.12
CA LEU A 7 -18.69 -14.08 -12.40
C LEU A 7 -18.14 -15.53 -12.39
N GLU A 8 -19.03 -16.49 -12.18
CA GLU A 8 -18.80 -17.93 -12.11
C GLU A 8 -18.29 -18.50 -13.44
N SER A 9 -18.85 -18.03 -14.59
CA SER A 9 -18.47 -18.51 -15.91
C SER A 9 -17.24 -17.81 -16.51
N GLN A 10 -17.10 -16.49 -16.28
CA GLN A 10 -15.99 -15.67 -16.81
C GLN A 10 -14.65 -15.91 -16.13
N TYR A 11 -14.67 -16.45 -14.90
CA TYR A 11 -13.47 -16.66 -14.12
C TYR A 11 -13.32 -18.06 -13.61
N GLN A 12 -12.09 -18.59 -13.70
CA GLN A 12 -11.73 -19.91 -13.20
C GLN A 12 -11.08 -19.61 -11.87
N VAL A 13 -11.70 -20.07 -10.76
CA VAL A 13 -11.19 -19.79 -9.42
C VAL A 13 -10.07 -20.75 -9.04
N GLY A 14 -8.94 -20.18 -8.66
CA GLY A 14 -7.78 -20.92 -8.20
C GLY A 14 -7.69 -20.89 -6.69
N PRO A 15 -6.50 -21.10 -6.11
CA PRO A 15 -6.39 -21.14 -4.64
C PRO A 15 -6.52 -19.79 -3.96
N LEU A 16 -6.90 -19.84 -2.67
CA LEU A 16 -6.96 -18.71 -1.78
C LEU A 16 -5.53 -18.17 -1.62
N LEU A 17 -5.33 -16.89 -1.91
CA LEU A 17 -4.03 -16.24 -1.77
C LEU A 17 -3.85 -15.72 -0.35
N GLY A 18 -4.96 -15.34 0.27
CA GLY A 18 -4.97 -14.83 1.63
C GLY A 18 -6.32 -14.32 2.05
N SER A 19 -6.51 -14.15 3.35
CA SER A 19 -7.73 -13.63 3.94
C SER A 19 -7.40 -12.82 5.18
N GLY A 20 -8.30 -11.93 5.55
CA GLY A 20 -8.10 -11.08 6.71
C GLY A 20 -9.14 -10.00 6.76
N GLY A 21 -8.76 -8.84 7.32
CA GLY A 21 -9.62 -7.67 7.45
C GLY A 21 -10.20 -7.22 6.13
N PHE A 22 -9.44 -7.38 5.04
CA PHE A 22 -9.86 -7.01 3.69
C PHE A 22 -10.90 -7.96 3.07
N GLY A 23 -10.98 -9.20 3.56
CA GLY A 23 -11.88 -10.20 3.02
C GLY A 23 -11.10 -11.44 2.63
N SER A 24 -11.44 -12.08 1.49
CA SER A 24 -10.74 -13.28 1.00
C SER A 24 -10.37 -13.08 -0.44
N VAL A 25 -9.09 -13.22 -0.75
CA VAL A 25 -8.60 -13.01 -2.11
C VAL A 25 -8.13 -14.34 -2.67
N TYR A 26 -8.62 -14.68 -3.87
CA TYR A 26 -8.31 -15.91 -4.56
C TYR A 26 -7.54 -15.63 -5.79
N SER A 27 -6.70 -16.58 -6.18
CA SER A 27 -6.01 -16.52 -7.44
C SER A 27 -7.07 -16.95 -8.43
N GLY A 28 -7.00 -16.46 -9.64
CA GLY A 28 -7.98 -16.81 -10.64
C GLY A 28 -7.46 -16.51 -12.02
N ILE A 29 -8.23 -16.91 -13.01
CA ILE A 29 -7.88 -16.72 -14.40
C ILE A 29 -9.14 -16.30 -15.14
N ARG A 30 -9.04 -15.23 -15.95
CA ARG A 30 -10.16 -14.81 -16.78
C ARG A 30 -10.19 -15.81 -17.95
N VAL A 31 -11.24 -16.64 -18.00
CA VAL A 31 -11.45 -17.74 -18.95
C VAL A 31 -11.21 -17.32 -20.42
N SER A 32 -11.76 -16.15 -20.82
CA SER A 32 -11.68 -15.63 -22.20
C SER A 32 -10.26 -15.47 -22.77
N ASP A 33 -9.28 -15.04 -21.96
CA ASP A 33 -7.93 -14.81 -22.47
C ASP A 33 -6.81 -15.34 -21.58
N ASN A 34 -7.16 -16.19 -20.58
CA ASN A 34 -6.25 -16.78 -19.59
C ASN A 34 -5.51 -15.73 -18.74
N LEU A 35 -6.07 -14.51 -18.65
CA LEU A 35 -5.46 -13.43 -17.87
C LEU A 35 -5.47 -13.75 -16.39
N PRO A 36 -4.28 -13.71 -15.74
CA PRO A 36 -4.24 -13.98 -14.29
C PRO A 36 -4.96 -12.87 -13.54
N VAL A 37 -5.83 -13.23 -12.60
CA VAL A 37 -6.60 -12.25 -11.83
C VAL A 37 -6.58 -12.64 -10.34
N ALA A 38 -6.96 -11.71 -9.49
CA ALA A 38 -7.16 -11.97 -8.08
C ALA A 38 -8.61 -11.63 -7.87
N ILE A 39 -9.32 -12.53 -7.26
CA ILE A 39 -10.75 -12.40 -7.00
C ILE A 39 -10.91 -12.13 -5.50
N LYS A 40 -11.25 -10.90 -5.16
CA LYS A 40 -11.38 -10.45 -3.80
C LYS A 40 -12.87 -10.41 -3.40
N HIS A 41 -13.22 -11.13 -2.35
CA HIS A 41 -14.59 -11.20 -1.83
C HIS A 41 -14.65 -10.38 -0.56
N VAL A 42 -15.56 -9.44 -0.51
CA VAL A 42 -15.73 -8.58 0.65
C VAL A 42 -17.17 -8.70 1.10
N GLU A 43 -17.36 -9.10 2.36
CA GLU A 43 -18.67 -9.23 2.98
C GLU A 43 -19.28 -7.85 3.16
N LYS A 44 -20.55 -7.68 2.76
CA LYS A 44 -21.29 -6.42 2.85
C LYS A 44 -21.40 -5.91 4.29
N ASP A 45 -21.59 -6.82 5.26
CA ASP A 45 -21.69 -6.54 6.70
C ASP A 45 -20.40 -5.92 7.23
N ARG A 46 -19.27 -6.14 6.55
CA ARG A 46 -17.97 -5.64 6.96
C ARG A 46 -17.57 -4.32 6.26
N ILE A 47 -18.37 -3.89 5.28
CA ILE A 47 -18.14 -2.64 4.54
C ILE A 47 -18.77 -1.50 5.35
N SER A 48 -17.91 -0.61 5.90
CA SER A 48 -18.32 0.55 6.69
C SER A 48 -18.47 1.79 5.81
N ASP A 49 -17.56 1.95 4.83
CA ASP A 49 -17.56 3.08 3.91
C ASP A 49 -18.12 2.70 2.55
N TRP A 50 -19.22 3.34 2.21
CA TRP A 50 -19.93 3.15 0.95
C TRP A 50 -19.86 4.44 0.18
N GLY A 51 -19.66 4.32 -1.12
CA GLY A 51 -19.56 5.46 -2.01
C GLY A 51 -20.45 5.33 -3.21
N GLU A 52 -20.38 6.32 -4.10
CA GLU A 52 -21.16 6.34 -5.32
C GLU A 52 -20.26 6.61 -6.49
N LEU A 53 -20.49 5.87 -7.58
CA LEU A 53 -19.75 5.98 -8.84
C LEU A 53 -20.38 7.11 -9.68
N PRO A 54 -19.75 7.59 -10.80
CA PRO A 54 -20.42 8.62 -11.62
C PRO A 54 -21.82 8.24 -12.15
N ASN A 55 -22.21 6.95 -11.99
CA ASN A 55 -23.53 6.42 -12.36
C ASN A 55 -24.52 6.62 -11.19
N GLY A 56 -24.03 6.49 -9.96
CA GLY A 56 -24.82 6.67 -8.74
C GLY A 56 -25.25 5.40 -8.02
N THR A 57 -24.57 4.27 -8.27
CA THR A 57 -24.85 2.97 -7.64
C THR A 57 -24.22 2.91 -6.24
N ARG A 58 -24.84 2.15 -5.32
CA ARG A 58 -24.33 1.98 -3.95
C ARG A 58 -23.27 0.87 -3.96
N VAL A 59 -21.99 1.28 -3.89
CA VAL A 59 -20.85 0.33 -3.91
C VAL A 59 -19.92 0.62 -2.74
N PRO A 60 -19.08 -0.35 -2.30
CA PRO A 60 -18.10 -0.03 -1.26
C PRO A 60 -17.14 1.05 -1.77
N MET A 61 -16.66 1.93 -0.87
CA MET A 61 -15.71 3.00 -1.17
C MET A 61 -14.48 2.44 -1.91
N GLU A 62 -14.06 1.23 -1.54
CA GLU A 62 -12.93 0.54 -2.15
C GLU A 62 -13.08 0.53 -3.67
N VAL A 63 -14.28 0.18 -4.17
CA VAL A 63 -14.58 0.16 -5.59
C VAL A 63 -14.43 1.59 -6.17
N VAL A 64 -14.96 2.61 -5.48
CA VAL A 64 -14.87 4.01 -5.91
C VAL A 64 -13.38 4.39 -6.01
N LEU A 65 -12.62 4.10 -4.97
CA LEU A 65 -11.19 4.42 -4.92
C LEU A 65 -10.38 3.68 -5.98
N LEU A 66 -10.70 2.41 -6.23
CA LEU A 66 -9.96 1.64 -7.23
C LEU A 66 -10.23 2.19 -8.62
N LYS A 67 -11.47 2.64 -8.88
CA LYS A 67 -11.84 3.20 -10.17
C LYS A 67 -11.15 4.52 -10.35
N LYS A 68 -11.05 5.32 -9.27
CA LYS A 68 -10.37 6.62 -9.31
C LYS A 68 -8.88 6.44 -9.59
N VAL A 69 -8.26 5.34 -9.12
CA VAL A 69 -6.84 5.14 -9.36
C VAL A 69 -6.53 4.30 -10.58
N SER A 70 -7.57 3.77 -11.27
CA SER A 70 -7.34 2.92 -12.44
C SER A 70 -6.85 3.71 -13.65
N SER A 71 -5.75 3.23 -14.25
CA SER A 71 -5.07 3.78 -15.44
C SER A 71 -3.98 2.79 -15.94
N GLY A 72 -3.19 3.24 -16.90
CA GLY A 72 -2.06 2.47 -17.44
C GLY A 72 -0.91 2.36 -16.46
N PHE A 73 -0.87 3.25 -15.44
CA PHE A 73 0.17 3.26 -14.40
C PHE A 73 0.10 1.99 -13.54
N SER A 74 1.15 1.18 -13.62
CA SER A 74 1.24 -0.11 -12.96
C SER A 74 1.57 -0.08 -11.45
N GLY A 75 1.78 1.09 -10.84
CA GLY A 75 2.13 1.16 -9.42
C GLY A 75 0.98 0.90 -8.47
N VAL A 76 -0.23 0.81 -9.00
CA VAL A 76 -1.39 0.58 -8.19
C VAL A 76 -2.17 -0.60 -8.77
N ILE A 77 -2.75 -1.45 -7.92
CA ILE A 77 -3.58 -2.57 -8.39
C ILE A 77 -4.71 -2.06 -9.27
N ARG A 78 -4.95 -2.74 -10.38
CA ARG A 78 -6.00 -2.36 -11.30
C ARG A 78 -7.26 -3.20 -11.07
N LEU A 79 -8.40 -2.52 -10.90
CA LEU A 79 -9.72 -3.15 -10.77
C LEU A 79 -10.17 -3.44 -12.18
N LEU A 80 -10.35 -4.70 -12.51
CA LEU A 80 -10.73 -5.11 -13.86
C LEU A 80 -12.21 -5.19 -14.00
N ASP A 81 -12.88 -5.59 -12.92
CA ASP A 81 -14.33 -5.79 -12.87
C ASP A 81 -14.75 -5.98 -11.44
N TRP A 82 -16.04 -5.88 -11.18
CA TRP A 82 -16.62 -6.10 -9.87
C TRP A 82 -18.02 -6.58 -10.05
N PHE A 83 -18.51 -7.32 -9.07
CA PHE A 83 -19.82 -7.92 -9.05
C PHE A 83 -20.39 -7.72 -7.67
N GLU A 84 -21.70 -7.55 -7.61
CA GLU A 84 -22.41 -7.47 -6.35
C GLU A 84 -23.17 -8.78 -6.24
N ARG A 85 -23.03 -9.42 -5.10
CA ARG A 85 -23.72 -10.65 -4.78
C ARG A 85 -24.69 -10.28 -3.66
N PRO A 86 -25.64 -11.14 -3.27
CA PRO A 86 -26.54 -10.76 -2.18
C PRO A 86 -25.84 -10.29 -0.90
N ASP A 87 -24.80 -10.99 -0.44
CA ASP A 87 -24.16 -10.60 0.81
C ASP A 87 -22.71 -10.16 0.70
N SER A 88 -22.19 -10.05 -0.53
CA SER A 88 -20.82 -9.63 -0.74
C SER A 88 -20.62 -8.89 -2.04
N PHE A 89 -19.41 -8.33 -2.20
CA PHE A 89 -18.91 -7.70 -3.39
C PHE A 89 -17.70 -8.50 -3.79
N VAL A 90 -17.57 -8.74 -5.08
CA VAL A 90 -16.49 -9.51 -5.65
C VAL A 90 -15.77 -8.59 -6.59
N LEU A 91 -14.49 -8.39 -6.33
CA LEU A 91 -13.58 -7.52 -7.04
C LEU A 91 -12.61 -8.35 -7.85
N ILE A 92 -12.54 -8.07 -9.15
CA ILE A 92 -11.60 -8.74 -10.04
C ILE A 92 -10.47 -7.78 -10.19
N LEU A 93 -9.31 -8.16 -9.72
CA LEU A 93 -8.14 -7.34 -9.76
C LEU A 93 -7.13 -7.99 -10.63
N GLU A 94 -6.26 -7.18 -11.24
CA GLU A 94 -5.16 -7.71 -12.02
C GLU A 94 -4.25 -8.54 -11.11
N ARG A 95 -3.55 -9.50 -11.67
CA ARG A 95 -2.66 -10.30 -10.86
C ARG A 95 -1.34 -10.44 -11.58
N PRO A 96 -0.28 -9.74 -11.10
CA PRO A 96 1.07 -9.94 -11.68
C PRO A 96 1.49 -11.38 -11.41
N GLU A 97 2.28 -11.96 -12.31
CA GLU A 97 2.71 -13.36 -12.19
C GLU A 97 4.15 -13.55 -12.73
N PRO A 98 5.14 -13.99 -11.93
CA PRO A 98 5.09 -14.30 -10.49
C PRO A 98 5.03 -13.03 -9.63
N VAL A 99 4.43 -13.16 -8.46
CA VAL A 99 4.25 -12.03 -7.55
C VAL A 99 4.60 -12.49 -6.14
N GLN A 100 4.99 -11.51 -5.28
CA GLN A 100 5.27 -11.76 -3.88
C GLN A 100 4.98 -10.49 -3.15
N ASP A 101 4.24 -10.56 -2.04
CA ASP A 101 4.01 -9.33 -1.30
C ASP A 101 5.31 -8.93 -0.59
N LEU A 102 5.50 -7.64 -0.36
CA LEU A 102 6.71 -7.13 0.25
C LEU A 102 6.96 -7.73 1.63
N PHE A 103 5.90 -7.96 2.40
CA PHE A 103 6.01 -8.58 3.72
C PHE A 103 6.67 -9.95 3.62
N ASP A 104 6.21 -10.78 2.67
CA ASP A 104 6.73 -12.14 2.47
C ASP A 104 8.13 -12.05 1.94
N PHE A 105 8.37 -11.04 1.10
CA PHE A 105 9.69 -10.81 0.55
C PHE A 105 10.69 -10.51 1.66
N ILE A 106 10.32 -9.62 2.59
CA ILE A 106 11.15 -9.21 3.72
C ILE A 106 11.32 -10.36 4.69
N THR A 107 10.25 -11.14 4.92
CA THR A 107 10.32 -12.31 5.80
C THR A 107 11.40 -13.28 5.27
N GLU A 108 11.37 -13.53 3.96
CA GLU A 108 12.28 -14.46 3.29
C GLU A 108 13.72 -13.95 3.20
N ARG A 109 13.90 -12.69 2.79
CA ARG A 109 15.21 -12.10 2.53
C ARG A 109 15.82 -11.31 3.68
N GLY A 110 15.01 -10.98 4.67
CA GLY A 110 15.42 -10.11 5.76
C GLY A 110 15.48 -8.65 5.29
N ALA A 111 16.21 -7.80 6.05
CA ALA A 111 16.42 -6.38 5.77
C ALA A 111 16.94 -6.22 4.34
N LEU A 112 16.36 -5.27 3.59
CA LEU A 112 16.73 -5.08 2.22
C LEU A 112 17.97 -4.25 2.09
N GLN A 113 18.80 -4.59 1.11
CA GLN A 113 19.96 -3.76 0.76
C GLN A 113 19.36 -2.39 0.42
N GLU A 114 20.09 -1.34 0.75
CA GLU A 114 19.58 0.02 0.54
C GLU A 114 19.25 0.34 -0.89
N GLU A 115 20.01 -0.18 -1.84
CA GLU A 115 19.73 0.04 -3.25
C GLU A 115 18.35 -0.54 -3.61
N LEU A 116 18.02 -1.69 -3.02
CA LEU A 116 16.75 -2.35 -3.27
C LEU A 116 15.65 -1.60 -2.57
N ALA A 117 15.89 -1.20 -1.31
CA ALA A 117 14.92 -0.45 -0.54
C ALA A 117 14.62 0.87 -1.24
N ARG A 118 15.64 1.53 -1.81
CA ARG A 118 15.49 2.81 -2.51
C ARG A 118 14.59 2.63 -3.71
N SER A 119 14.84 1.61 -4.54
CA SER A 119 14.03 1.34 -5.71
C SER A 119 12.59 1.02 -5.35
N PHE A 120 12.40 0.19 -4.32
CA PHE A 120 11.08 -0.19 -3.86
C PHE A 120 10.36 1.02 -3.28
N PHE A 121 11.05 1.73 -2.38
CA PHE A 121 10.49 2.91 -1.71
C PHE A 121 10.08 3.98 -2.68
N TRP A 122 10.94 4.26 -3.69
CA TRP A 122 10.68 5.20 -4.77
C TRP A 122 9.38 4.79 -5.49
N GLN A 123 9.25 3.50 -5.86
CA GLN A 123 8.05 3.03 -6.54
C GLN A 123 6.81 3.18 -5.66
N VAL A 124 6.95 2.99 -4.34
CA VAL A 124 5.83 3.18 -3.42
C VAL A 124 5.43 4.64 -3.41
N LEU A 125 6.42 5.54 -3.41
CA LEU A 125 6.19 6.97 -3.44
C LEU A 125 5.47 7.39 -4.69
N GLU A 126 5.88 6.87 -5.87
CA GLU A 126 5.22 7.18 -7.12
C GLU A 126 3.79 6.70 -7.08
N ALA A 127 3.58 5.49 -6.49
CA ALA A 127 2.24 4.90 -6.37
C ALA A 127 1.34 5.72 -5.44
N VAL A 128 1.88 6.18 -4.30
CA VAL A 128 1.11 6.97 -3.35
C VAL A 128 0.80 8.31 -3.93
N ARG A 129 1.77 8.92 -4.64
CA ARG A 129 1.59 10.21 -5.27
C ARG A 129 0.50 10.06 -6.31
N HIS A 130 0.50 8.94 -7.05
CA HIS A 130 -0.54 8.68 -8.03
C HIS A 130 -1.92 8.61 -7.36
N CYS A 131 -2.03 7.89 -6.25
CA CYS A 131 -3.29 7.81 -5.48
C CYS A 131 -3.80 9.18 -5.13
N HIS A 132 -2.91 9.98 -4.54
CA HIS A 132 -3.19 11.33 -4.10
C HIS A 132 -3.62 12.20 -5.27
N ASN A 133 -2.95 12.10 -6.43
CA ASN A 133 -3.35 12.88 -7.61
C ASN A 133 -4.72 12.49 -8.11
N CYS A 134 -5.16 11.27 -7.80
CA CYS A 134 -6.47 10.74 -8.16
C CYS A 134 -7.51 11.01 -7.08
N GLY A 135 -7.13 11.73 -6.02
CA GLY A 135 -8.00 12.07 -4.89
C GLY A 135 -8.22 10.88 -3.96
N VAL A 136 -7.25 9.97 -3.89
CA VAL A 136 -7.40 8.78 -3.05
C VAL A 136 -6.35 8.73 -1.99
N LEU A 137 -6.78 8.53 -0.75
CA LEU A 137 -5.85 8.34 0.37
C LEU A 137 -5.92 6.85 0.71
N HIS A 138 -4.81 6.13 0.51
CA HIS A 138 -4.77 4.70 0.76
C HIS A 138 -5.05 4.32 2.24
N ARG A 139 -4.38 4.99 3.19
CA ARG A 139 -4.52 4.81 4.65
C ARG A 139 -4.06 3.48 5.20
N ASP A 140 -3.49 2.63 4.37
CA ASP A 140 -2.97 1.36 4.83
C ASP A 140 -1.69 0.97 4.08
N ILE A 141 -0.83 1.93 3.87
CA ILE A 141 0.48 1.71 3.24
C ILE A 141 1.30 0.87 4.21
N LYS A 142 1.69 -0.32 3.80
CA LYS A 142 2.48 -1.26 4.59
C LYS A 142 3.02 -2.33 3.65
N ASP A 143 4.01 -3.09 4.11
CA ASP A 143 4.67 -4.17 3.36
C ASP A 143 3.67 -5.19 2.81
N GLU A 144 2.64 -5.58 3.61
CA GLU A 144 1.59 -6.53 3.21
C GLU A 144 0.73 -5.99 2.06
N ASN A 145 0.63 -4.64 1.92
CA ASN A 145 -0.17 -4.03 0.86
C ASN A 145 0.62 -3.62 -0.36
N ILE A 146 1.79 -4.21 -0.50
CA ILE A 146 2.65 -3.92 -1.62
C ILE A 146 3.05 -5.24 -2.25
N LEU A 147 2.71 -5.39 -3.53
CA LEU A 147 3.07 -6.57 -4.30
C LEU A 147 4.27 -6.26 -5.13
N ILE A 148 5.14 -7.24 -5.27
CA ILE A 148 6.31 -7.12 -6.14
C ILE A 148 6.04 -8.00 -7.37
N ASP A 149 6.07 -7.39 -8.55
CA ASP A 149 5.98 -8.12 -9.82
C ASP A 149 7.46 -8.48 -9.99
N LEU A 150 7.83 -9.70 -9.59
CA LEU A 150 9.21 -10.20 -9.54
C LEU A 150 9.98 -10.13 -10.86
N ASN A 151 9.31 -10.35 -12.00
CA ASN A 151 9.98 -10.33 -13.31
C ASN A 151 10.32 -8.92 -13.74
N ARG A 152 9.40 -7.98 -13.47
CA ARG A 152 9.50 -6.59 -13.89
C ARG A 152 10.14 -5.67 -12.86
N GLY A 153 10.23 -6.14 -11.61
CA GLY A 153 10.80 -5.36 -10.51
C GLY A 153 9.92 -4.19 -10.12
N GLU A 154 8.64 -4.27 -10.54
CA GLU A 154 7.63 -3.25 -10.29
C GLU A 154 6.79 -3.59 -9.11
N LEU A 155 6.49 -2.58 -8.31
CA LEU A 155 5.68 -2.69 -7.10
C LEU A 155 4.30 -2.21 -7.35
N LYS A 156 3.35 -2.85 -6.71
CA LYS A 156 1.94 -2.53 -6.87
C LYS A 156 1.35 -2.33 -5.49
N LEU A 157 0.73 -1.18 -5.27
CA LEU A 157 0.01 -0.87 -4.04
C LEU A 157 -1.38 -1.53 -4.17
N ILE A 158 -1.74 -2.36 -3.19
CA ILE A 158 -3.03 -3.08 -3.20
C ILE A 158 -3.83 -2.73 -1.95
N ASP A 159 -5.04 -3.28 -1.84
CA ASP A 159 -5.98 -3.16 -0.71
C ASP A 159 -6.31 -1.72 -0.34
N PHE A 160 -7.25 -1.18 -1.07
CA PHE A 160 -7.77 0.16 -0.90
C PHE A 160 -9.01 0.13 0.00
N GLY A 161 -9.19 -0.98 0.72
CA GLY A 161 -10.34 -1.21 1.59
C GLY A 161 -10.38 -0.39 2.86
N SER A 162 -9.29 0.29 3.20
CA SER A 162 -9.23 1.16 4.38
C SER A 162 -9.10 2.61 3.91
N GLY A 163 -9.07 2.79 2.60
CA GLY A 163 -8.86 4.09 2.00
C GLY A 163 -10.01 5.05 2.15
N ALA A 164 -9.81 6.27 1.67
CA ALA A 164 -10.84 7.30 1.68
C ALA A 164 -10.54 8.23 0.56
N LEU A 165 -11.49 9.09 0.23
CA LEU A 165 -11.24 10.13 -0.72
C LEU A 165 -10.26 11.05 -0.01
N LEU A 166 -9.27 11.55 -0.73
CA LEU A 166 -8.30 12.47 -0.16
C LEU A 166 -8.99 13.82 0.02
N LYS A 167 -8.83 14.39 1.21
CA LYS A 167 -9.37 15.70 1.59
C LYS A 167 -8.29 16.40 2.38
N ASP A 168 -8.39 17.70 2.50
CA ASP A 168 -7.44 18.55 3.19
C ASP A 168 -7.83 18.79 4.63
N THR A 169 -9.01 18.35 5.02
CA THR A 169 -9.52 18.52 6.38
C THR A 169 -9.08 17.30 7.19
N VAL A 170 -9.31 17.33 8.50
CA VAL A 170 -8.89 16.28 9.42
C VAL A 170 -9.70 15.03 9.25
N TYR A 171 -9.06 13.87 9.34
CA TYR A 171 -9.71 12.57 9.35
C TYR A 171 -9.80 12.19 10.82
N THR A 172 -10.97 11.70 11.25
CA THR A 172 -11.20 11.31 12.65
C THR A 172 -11.53 9.82 12.75
N ASP A 173 -11.49 9.14 11.59
CA ASP A 173 -11.74 7.72 11.44
C ASP A 173 -10.50 7.09 10.87
N PHE A 174 -10.18 5.89 11.33
CA PHE A 174 -9.05 5.13 10.85
C PHE A 174 -9.27 3.67 11.12
N ASP A 175 -9.02 2.84 10.10
CA ASP A 175 -9.16 1.39 10.15
C ASP A 175 -8.02 0.72 9.37
N GLY A 176 -6.90 1.43 9.25
CA GLY A 176 -5.70 0.88 8.62
C GLY A 176 -4.94 0.12 9.68
N THR A 177 -3.63 0.02 9.52
CA THR A 177 -2.82 -0.73 10.48
C THR A 177 -2.29 0.17 11.55
N ARG A 178 -2.61 -0.16 12.82
CA ARG A 178 -2.21 0.63 13.97
C ARG A 178 -0.71 0.91 14.09
N VAL A 179 0.14 -0.10 13.89
CA VAL A 179 1.59 0.04 14.02
C VAL A 179 2.19 0.94 12.93
N TYR A 180 1.38 1.24 11.89
CA TYR A 180 1.76 2.13 10.81
C TYR A 180 1.08 3.46 10.99
N SER A 181 0.22 3.60 12.02
CA SER A 181 -0.54 4.84 12.24
C SER A 181 0.28 5.91 12.96
N PRO A 182 0.03 7.20 12.65
CA PRO A 182 0.87 8.25 13.24
C PRO A 182 0.54 8.55 14.69
N PRO A 183 1.44 9.24 15.42
CA PRO A 183 1.17 9.56 16.82
C PRO A 183 -0.07 10.40 17.07
N GLU A 184 -0.41 11.30 16.11
CA GLU A 184 -1.58 12.17 16.23
C GLU A 184 -2.84 11.32 16.20
N TRP A 185 -2.85 10.23 15.43
CA TRP A 185 -3.98 9.32 15.44
C TRP A 185 -4.06 8.64 16.82
N ILE A 186 -2.93 8.10 17.29
CA ILE A 186 -2.88 7.40 18.58
C ILE A 186 -3.35 8.30 19.73
N ARG A 187 -2.78 9.52 19.85
CA ARG A 187 -3.09 10.48 20.90
C ARG A 187 -4.45 11.14 20.74
N TYR A 188 -4.78 11.63 19.54
CA TYR A 188 -5.96 12.47 19.34
C TYR A 188 -7.07 11.90 18.49
N HIS A 189 -6.83 10.84 17.72
CA HIS A 189 -7.83 10.30 16.80
C HIS A 189 -8.08 11.32 15.70
N ARG A 190 -7.00 12.00 15.29
CA ARG A 190 -7.03 13.08 14.32
C ARG A 190 -5.74 13.05 13.51
N TYR A 191 -5.86 13.05 12.19
CA TYR A 191 -4.71 13.09 11.31
C TYR A 191 -5.14 13.74 9.99
N HIS A 192 -4.17 14.29 9.27
CA HIS A 192 -4.37 14.84 7.95
C HIS A 192 -3.78 13.79 7.03
N GLY A 193 -4.42 13.58 5.90
CA GLY A 193 -4.08 12.53 4.94
C GLY A 193 -2.62 12.37 4.57
N ARG A 194 -2.04 13.39 3.96
CA ARG A 194 -0.65 13.38 3.47
C ARG A 194 0.37 13.14 4.53
N SER A 195 0.31 13.86 5.65
CA SER A 195 1.26 13.69 6.73
C SER A 195 1.13 12.32 7.44
N ALA A 196 -0.06 11.72 7.46
CA ALA A 196 -0.21 10.38 8.04
C ALA A 196 0.36 9.40 7.02
N ALA A 197 0.17 9.67 5.72
CA ALA A 197 0.72 8.78 4.69
C ALA A 197 2.24 8.85 4.79
N VAL A 198 2.83 10.04 5.01
CA VAL A 198 4.28 10.19 5.15
C VAL A 198 4.79 9.41 6.36
N TRP A 199 4.08 9.51 7.51
CA TRP A 199 4.44 8.72 8.67
C TRP A 199 4.49 7.23 8.29
N SER A 200 3.41 6.69 7.72
CA SER A 200 3.37 5.27 7.37
C SER A 200 4.49 4.94 6.37
N LEU A 201 4.88 5.91 5.52
CA LEU A 201 5.97 5.68 4.58
C LEU A 201 7.31 5.54 5.32
N GLY A 202 7.48 6.30 6.42
CA GLY A 202 8.66 6.22 7.27
C GLY A 202 8.74 4.87 7.96
N ILE A 203 7.60 4.32 8.40
CA ILE A 203 7.51 3.00 9.04
C ILE A 203 7.90 1.96 8.00
N LEU A 204 7.30 2.07 6.81
CA LEU A 204 7.57 1.18 5.70
C LEU A 204 9.06 1.19 5.32
N LEU A 205 9.65 2.37 5.20
CA LEU A 205 11.06 2.49 4.82
C LEU A 205 11.93 1.83 5.89
N TYR A 206 11.63 2.10 7.17
CA TYR A 206 12.33 1.48 8.28
C TYR A 206 12.18 -0.02 8.13
N ASP A 207 10.96 -0.49 7.92
CA ASP A 207 10.65 -1.90 7.78
C ASP A 207 11.48 -2.53 6.63
N MET A 208 11.66 -1.79 5.56
CA MET A 208 12.43 -2.29 4.45
C MET A 208 13.87 -2.42 4.77
N VAL A 209 14.46 -1.42 5.44
CA VAL A 209 15.90 -1.45 5.67
C VAL A 209 16.29 -2.17 6.95
N CYS A 210 15.34 -2.40 7.86
CA CYS A 210 15.63 -3.08 9.11
C CYS A 210 15.06 -4.45 9.17
N GLY A 211 14.12 -4.73 8.29
CA GLY A 211 13.48 -6.04 8.26
C GLY A 211 12.27 -6.16 9.15
N ASP A 212 11.91 -5.11 9.90
CA ASP A 212 10.78 -5.08 10.84
C ASP A 212 10.38 -3.65 11.11
N ILE A 213 9.16 -3.44 11.61
CA ILE A 213 8.63 -2.12 11.93
C ILE A 213 9.35 -1.52 13.16
N PRO A 214 9.52 -0.18 13.30
CA PRO A 214 10.25 0.32 14.47
C PRO A 214 9.47 0.26 15.76
N PHE A 215 8.12 0.38 15.68
CA PHE A 215 7.24 0.45 16.85
C PHE A 215 6.22 -0.63 16.87
N GLU A 216 6.02 -1.21 18.05
CA GLU A 216 5.06 -2.27 18.25
C GLU A 216 3.97 -1.79 19.18
N HIS A 217 4.25 -0.75 19.97
CA HIS A 217 3.33 -0.22 20.97
C HIS A 217 3.04 1.25 20.81
N ASP A 218 1.83 1.67 21.23
CA ASP A 218 1.35 3.06 21.20
C ASP A 218 2.36 4.02 21.78
N GLU A 219 2.92 3.67 22.93
CA GLU A 219 3.92 4.46 23.67
C GLU A 219 5.17 4.69 22.85
N GLU A 220 5.59 3.67 22.06
CA GLU A 220 6.76 3.79 21.19
C GLU A 220 6.42 4.74 20.05
N ILE A 221 5.19 4.60 19.49
CA ILE A 221 4.71 5.48 18.41
C ILE A 221 4.74 6.93 18.89
N ILE A 222 4.15 7.17 20.06
CA ILE A 222 4.02 8.48 20.73
C ILE A 222 5.37 9.08 21.04
N ARG A 223 6.30 8.25 21.51
CA ARG A 223 7.64 8.73 21.82
C ARG A 223 8.39 9.05 20.53
N GLY A 224 8.15 8.24 19.49
CA GLY A 224 8.72 8.40 18.16
C GLY A 224 10.23 8.31 18.09
N GLN A 225 10.86 7.76 19.14
CA GLN A 225 12.30 7.57 19.17
C GLN A 225 12.59 6.38 18.27
N VAL A 226 13.40 6.60 17.25
CA VAL A 226 13.74 5.54 16.29
C VAL A 226 15.11 4.94 16.63
N PHE A 227 15.15 3.63 16.79
CA PHE A 227 16.40 2.92 17.04
C PHE A 227 16.66 2.06 15.84
N PHE A 228 17.85 2.12 15.27
CA PHE A 228 18.17 1.28 14.14
C PHE A 228 18.88 0.06 14.62
N ARG A 229 18.24 -1.09 14.47
CA ARG A 229 18.75 -2.40 14.91
C ARG A 229 19.72 -2.96 13.87
N GLN A 230 19.68 -2.39 12.66
CA GLN A 230 20.52 -2.82 11.55
C GLN A 230 21.36 -1.64 11.10
N ARG A 231 22.42 -1.95 10.39
CA ARG A 231 23.28 -0.95 9.81
C ARG A 231 22.49 -0.33 8.69
N VAL A 232 22.22 0.95 8.84
CA VAL A 232 21.46 1.77 7.92
C VAL A 232 22.27 3.03 7.77
N SER A 233 22.44 3.48 6.54
CA SER A 233 23.18 4.69 6.24
C SER A 233 22.51 5.87 6.92
N SER A 234 23.30 6.89 7.17
CA SER A 234 22.88 8.13 7.80
C SER A 234 21.84 8.84 6.99
N GLU A 235 21.99 8.85 5.67
CA GLU A 235 21.04 9.50 4.77
C GLU A 235 19.72 8.80 4.86
N CYS A 236 19.73 7.46 4.91
CA CYS A 236 18.49 6.71 5.06
C CYS A 236 17.85 6.92 6.44
N GLN A 237 18.64 6.85 7.53
CA GLN A 237 18.18 7.08 8.89
C GLN A 237 17.58 8.49 9.01
N HIS A 238 18.22 9.48 8.38
CA HIS A 238 17.74 10.88 8.32
C HIS A 238 16.36 10.92 7.65
N LEU A 239 16.20 10.26 6.50
CA LEU A 239 14.91 10.27 5.80
C LEU A 239 13.85 9.61 6.64
N ILE A 240 14.17 8.47 7.25
CA ILE A 240 13.23 7.77 8.13
C ILE A 240 12.83 8.66 9.29
N ARG A 241 13.81 9.23 9.98
CA ARG A 241 13.55 10.08 11.14
C ARG A 241 12.71 11.28 10.75
N TRP A 242 12.92 11.79 9.54
CA TRP A 242 12.17 12.89 9.00
C TRP A 242 10.70 12.50 8.74
N CYS A 243 10.44 11.34 8.09
CA CYS A 243 9.06 10.88 7.85
C CYS A 243 8.37 10.61 9.16
N LEU A 244 9.17 10.23 10.16
CA LEU A 244 8.69 9.90 11.48
C LEU A 244 8.75 11.05 12.47
N ALA A 245 8.77 12.30 11.99
CA ALA A 245 8.72 13.42 12.92
C ALA A 245 7.38 13.37 13.64
N LEU A 246 7.39 13.59 14.96
CA LEU A 246 6.20 13.56 15.80
C LEU A 246 5.18 14.62 15.33
N ARG A 247 5.67 15.82 14.99
CA ARG A 247 4.80 16.88 14.55
C ARG A 247 4.48 16.65 13.09
N PRO A 248 3.18 16.46 12.74
CA PRO A 248 2.83 16.21 11.32
C PRO A 248 3.44 17.21 10.34
N SER A 249 3.47 18.50 10.71
CA SER A 249 4.01 19.59 9.91
C SER A 249 5.54 19.52 9.75
N ASP A 250 6.23 18.79 10.64
CA ASP A 250 7.68 18.60 10.57
C ASP A 250 8.05 17.49 9.59
N ARG A 251 7.04 16.77 9.03
CA ARG A 251 7.28 15.69 8.10
C ARG A 251 7.54 16.21 6.71
N PRO A 252 8.34 15.49 5.91
CA PRO A 252 8.57 15.95 4.55
C PRO A 252 7.33 15.76 3.69
N THR A 253 7.22 16.56 2.63
CA THR A 253 6.16 16.40 1.63
C THR A 253 6.69 15.25 0.76
N PHE A 254 5.88 14.72 -0.18
CA PHE A 254 6.36 13.65 -1.07
C PHE A 254 7.54 14.13 -1.89
N GLU A 255 7.53 15.41 -2.26
CA GLU A 255 8.56 16.06 -3.05
C GLU A 255 9.89 16.06 -2.33
N GLU A 256 9.87 16.47 -1.07
CA GLU A 256 11.06 16.48 -0.20
C GLU A 256 11.58 15.09 0.05
N ILE A 257 10.69 14.08 0.10
CA ILE A 257 11.16 12.71 0.28
C ILE A 257 11.93 12.34 -1.00
N GLN A 258 11.33 12.61 -2.15
CA GLN A 258 11.92 12.24 -3.45
C GLN A 258 13.13 13.07 -3.85
N ASN A 259 13.35 14.22 -3.22
CA ASN A 259 14.52 15.05 -3.45
C ASN A 259 15.54 14.81 -2.36
N HIS A 260 15.20 13.96 -1.41
CA HIS A 260 16.12 13.63 -0.33
C HIS A 260 17.41 12.99 -0.91
N PRO A 261 18.61 13.32 -0.38
CA PRO A 261 19.85 12.70 -0.90
C PRO A 261 19.84 11.17 -0.93
N TRP A 262 19.09 10.53 0.00
CA TRP A 262 19.06 9.07 -0.01
C TRP A 262 18.31 8.56 -1.21
N MET A 263 17.37 9.34 -1.75
CA MET A 263 16.53 8.93 -2.87
C MET A 263 17.11 9.15 -4.24
N GLN A 264 18.35 9.63 -4.34
CA GLN A 264 18.96 9.88 -5.65
C GLN A 264 19.52 8.59 -6.27
N ASP A 265 19.62 8.58 -7.62
CA ASP A 265 20.13 7.48 -8.46
C ASP A 265 19.37 6.19 -8.24
N VAL A 266 18.03 6.26 -8.29
CA VAL A 266 17.19 5.08 -8.10
C VAL A 266 17.36 4.16 -9.29
N LEU A 267 17.36 2.85 -9.06
CA LEU A 267 17.43 1.88 -10.14
C LEU A 267 16.08 1.86 -10.84
N LEU A 268 16.09 1.51 -12.14
CA LEU A 268 14.85 1.34 -12.87
C LEU A 268 14.27 0.02 -12.35
N PRO A 269 12.93 -0.20 -12.39
CA PRO A 269 12.38 -1.46 -11.89
C PRO A 269 13.01 -2.69 -12.55
N GLN A 270 13.22 -2.65 -13.89
CA GLN A 270 13.86 -3.76 -14.60
C GLN A 270 15.27 -4.04 -14.08
N GLU A 271 16.08 -2.98 -13.87
CA GLU A 271 17.44 -3.09 -13.32
C GLU A 271 17.36 -3.75 -11.93
N THR A 272 16.38 -3.30 -11.11
CA THR A 272 16.10 -3.82 -9.76
C THR A 272 15.83 -5.33 -9.84
N ALA A 273 14.97 -5.77 -10.80
CA ALA A 273 14.62 -7.16 -10.99
C ALA A 273 15.87 -7.96 -11.35
N GLU A 274 16.64 -7.50 -12.37
CA GLU A 274 17.87 -8.16 -12.83
C GLU A 274 18.89 -8.39 -11.69
N ILE A 275 19.16 -7.33 -10.89
CA ILE A 275 20.12 -7.35 -9.79
C ILE A 275 19.62 -8.10 -8.54
N HIS A 276 18.39 -7.82 -8.11
CA HIS A 276 17.89 -8.26 -6.82
C HIS A 276 16.75 -9.29 -6.78
N LEU A 277 16.00 -9.48 -7.86
CA LEU A 277 14.85 -10.38 -7.79
C LEU A 277 15.01 -11.69 -8.53
N HIS A 278 16.18 -11.91 -9.18
CA HIS A 278 16.51 -13.14 -9.92
C HIS A 278 16.87 -14.28 -8.98
C1 2D2 B . -4.52 -8.79 -3.80
C2 2D2 B . -3.70 -9.54 -4.81
C3 2D2 B . -5.18 -7.66 -4.07
O4 2D2 B . -4.54 -9.18 -2.53
C5 2D2 B . -2.86 -10.57 -4.34
C6 2D2 B . -3.66 -9.19 -6.18
C7 2D2 B . -5.77 -7.31 -2.78
C8 2D2 B . -5.33 -8.27 -1.97
C9 2D2 B . -2.01 -11.26 -5.22
C10 2D2 B . -2.82 -9.88 -7.07
C11 2D2 B . -6.59 -6.13 -2.52
C12 2D2 B . -5.55 -8.41 -0.49
C13 2D2 B . -2.01 -10.92 -6.59
O14 2D2 B . -6.65 -5.15 -3.44
O15 2D2 B . -7.15 -6.04 -1.46
C1 GOL C . 26.62 6.53 6.90
O1 GOL C . 26.48 6.73 5.52
C2 GOL C . 27.84 7.23 7.45
O2 GOL C . 27.60 8.65 7.42
C3 GOL C . 28.12 6.78 8.86
O3 GOL C . 28.81 5.51 8.88
#